data_6TMR
#
_entry.id   6TMR
#
_cell.length_a   76.279
_cell.length_b   81.951
_cell.length_c   231.337
_cell.angle_alpha   90.000
_cell.angle_beta   90.000
_cell.angle_gamma   90.000
#
_symmetry.space_group_name_H-M   'C 2 2 21'
#
loop_
_entity.id
_entity.type
_entity.pdbx_description
1 polymer Glycoprotein
2 non-polymer 2-acetamido-2-deoxy-beta-D-glucopyranose
3 non-polymer 'TERBIUM(III) ION'
#
_entity_poly.entity_id   1
_entity_poly.type   'polypeptide(L)'
_entity_poly.pdbx_seq_one_letter_code
;EFPLYTIPEKIEKWTPIDMIHLSCPNNLLSEEEGCNAESSFTYFELKSGYLAHQKVPGFTCTGVVNEAETYTNGNGSVTT
TFKRKHFRPTVAACRDAYNWKVSGDPRYEESLHTPYPDSSGSRTVTTTKESLLIISPSIVEMDIYGRTLHSPMFPSGVCS
NVYPSVPSCETNHDYTLWLPEDPSLSLVCDIFTSSNGKKAMNGSRICGFKDERGFYRSLKGACKLTLCGRPGIRLFDGTW
VSFTKPDVHVWCTPNQLINIHNDRLDEIEHLIVEDIIKKREECLDTLETILMSQSVSFRRLSHFRKLVPGYGKAYTILNG
SLMETNVYYKRVDKWADILPSKGCLKVGQQCMEPVKGVLFNGIIKGPDGQILIPEMQSEQLKQHMDLLKAAVFPLRHPLI
SREAVFKKDGDADDFVDLHMPDVHKSVSDVDLGLPHDDDDKAGWSHPQFEKGGGSGGGSGGGSWSHPQFEK
;
_entity_poly.pdbx_strand_id   A
#
# COMPACT_ATOMS: atom_id res chain seq x y z
N GLU A 1 -4.23 15.23 1.79
CA GLU A 1 -2.86 15.30 1.32
C GLU A 1 -2.38 16.74 1.24
N PHE A 2 -1.08 16.93 1.04
CA PHE A 2 -0.54 18.29 0.94
C PHE A 2 -0.86 18.91 -0.41
N PRO A 3 -1.17 20.19 -0.44
CA PRO A 3 -1.38 20.87 -1.73
C PRO A 3 -0.06 21.21 -2.38
N LEU A 4 -0.17 21.55 -3.65
CA LEU A 4 1.00 22.04 -4.35
C LEU A 4 1.46 23.35 -3.71
N TYR A 5 0.49 24.23 -3.48
CA TYR A 5 0.74 25.55 -2.90
C TYR A 5 -0.53 25.99 -2.17
N THR A 6 -0.41 27.09 -1.41
CA THR A 6 -1.54 27.65 -0.67
C THR A 6 -1.61 29.12 -1.03
N ILE A 7 -2.81 29.70 -0.91
CA ILE A 7 -2.96 31.13 -1.24
C ILE A 7 -4.13 31.77 -0.49
N PRO A 8 -3.90 32.91 0.16
CA PRO A 8 -5.00 33.62 0.83
C PRO A 8 -6.27 33.69 -0.01
N GLU A 9 -7.41 33.42 0.65
CA GLU A 9 -8.72 33.60 0.01
C GLU A 9 -8.96 35.06 -0.39
N LYS A 10 -8.68 36.00 0.51
CA LYS A 10 -8.73 37.45 0.26
C LYS A 10 -7.63 38.10 1.10
N ILE A 11 -7.33 39.36 0.78
CA ILE A 11 -6.35 40.13 1.56
C ILE A 11 -6.92 41.53 1.79
N GLU A 12 -7.05 41.91 3.06
CA GLU A 12 -7.76 43.15 3.36
C GLU A 12 -6.91 44.14 4.15
N LYS A 13 -6.40 43.78 5.32
CA LYS A 13 -6.05 44.83 6.26
C LYS A 13 -4.59 45.26 6.23
N TRP A 14 -3.65 44.33 6.38
CA TRP A 14 -2.21 44.63 6.36
C TRP A 14 -1.76 45.52 7.54
N THR A 15 -1.95 45.02 8.76
CA THR A 15 -1.50 45.65 10.02
C THR A 15 0.01 45.45 10.24
N PRO A 16 0.71 46.41 10.86
CA PRO A 16 2.15 46.25 11.12
C PRO A 16 2.47 45.54 12.42
N ILE A 17 3.70 45.00 12.47
CA ILE A 17 4.19 44.14 13.55
C ILE A 17 5.72 44.25 13.68
N ASP A 18 6.28 43.74 14.78
CA ASP A 18 7.74 43.62 14.94
C ASP A 18 8.17 42.18 14.71
N MET A 19 9.45 42.01 14.35
CA MET A 19 9.97 40.70 13.95
C MET A 19 9.76 39.61 15.00
N ILE A 20 9.48 39.96 16.26
CA ILE A 20 9.26 38.92 17.27
C ILE A 20 7.86 38.33 17.21
N HIS A 21 6.95 38.92 16.44
CA HIS A 21 5.65 38.32 16.15
C HIS A 21 5.68 37.37 14.96
N LEU A 22 6.87 36.99 14.49
CA LEU A 22 6.94 36.04 13.39
C LEU A 22 6.71 34.64 13.95
N SER A 23 5.66 33.97 13.45
CA SER A 23 5.28 32.64 13.89
C SER A 23 5.58 31.65 12.78
N CYS A 24 6.20 30.54 13.11
CA CYS A 24 6.23 29.50 12.09
C CYS A 24 4.95 28.69 12.16
N PRO A 25 4.32 28.36 11.03
CA PRO A 25 3.08 27.59 11.11
C PRO A 25 3.41 26.15 11.43
N ASN A 26 2.57 25.56 12.28
CA ASN A 26 2.47 24.10 12.34
C ASN A 26 1.52 23.68 11.23
N ASN A 27 1.92 22.67 10.47
CA ASN A 27 1.25 22.32 9.23
C ASN A 27 0.55 20.98 9.43
N LEU A 28 -0.60 21.02 10.10
CA LEU A 28 -1.40 19.86 10.43
C LEU A 28 -2.49 19.66 9.38
N LEU A 29 -2.34 18.64 8.54
CA LEU A 29 -3.37 18.36 7.53
C LEU A 29 -4.72 18.16 8.18
N SER A 30 -4.74 17.52 9.35
CA SER A 30 -5.98 17.22 10.05
C SER A 30 -6.68 18.47 10.57
N GLU A 31 -6.00 19.61 10.61
CA GLU A 31 -6.63 20.84 11.10
C GLU A 31 -7.71 21.33 10.16
N GLU A 32 -7.46 21.24 8.85
CA GLU A 32 -8.45 21.66 7.86
C GLU A 32 -9.76 20.88 7.98
N GLU A 33 -9.72 19.68 8.57
CA GLU A 33 -10.92 18.94 8.92
C GLU A 33 -11.43 19.28 10.31
N GLY A 34 -10.68 20.11 11.05
CA GLY A 34 -11.09 20.53 12.36
C GLY A 34 -10.68 19.63 13.49
N CYS A 35 -9.51 19.00 13.39
CA CYS A 35 -9.06 18.00 14.37
C CYS A 35 -7.60 18.32 14.63
N ASN A 36 -7.31 18.97 15.76
CA ASN A 36 -5.94 19.33 16.09
C ASN A 36 -5.34 18.42 17.15
N ALA A 37 -6.01 17.33 17.47
CA ALA A 37 -5.61 16.47 18.57
C ALA A 37 -4.99 15.19 18.03
N GLU A 38 -3.83 14.81 18.55
CA GLU A 38 -3.05 13.67 18.07
C GLU A 38 -2.75 12.76 19.25
N SER A 39 -3.48 11.66 19.35
CA SER A 39 -3.24 10.64 20.36
C SER A 39 -2.83 9.33 19.69
N SER A 40 -1.81 8.68 20.26
CA SER A 40 -1.34 7.43 19.69
C SER A 40 -2.44 6.37 19.74
N PHE A 41 -2.30 5.37 18.88
CA PHE A 41 -3.24 4.27 18.77
C PHE A 41 -2.57 3.20 17.93
N THR A 42 -3.22 2.06 17.81
CA THR A 42 -2.61 0.95 17.10
C THR A 42 -3.59 0.27 16.15
N TYR A 43 -3.14 0.11 14.90
CA TYR A 43 -3.95 -0.30 13.77
C TYR A 43 -3.30 -1.48 13.04
N PHE A 44 -4.12 -2.21 12.27
CA PHE A 44 -3.68 -3.32 11.45
C PHE A 44 -3.61 -2.88 10.00
N GLU A 45 -2.51 -3.17 9.33
CA GLU A 45 -2.40 -3.01 7.90
C GLU A 45 -1.82 -4.29 7.32
N LEU A 46 -1.81 -4.41 5.99
CA LEU A 46 -1.12 -5.52 5.36
C LEU A 46 0.34 -5.54 5.76
N LYS A 47 0.92 -6.74 5.84
CA LYS A 47 2.37 -6.85 5.95
C LYS A 47 3.01 -6.14 4.75
N SER A 48 4.23 -5.67 4.93
CA SER A 48 4.92 -4.96 3.85
C SER A 48 5.42 -5.92 2.77
N GLY A 49 5.13 -5.59 1.53
CA GLY A 49 5.73 -6.28 0.39
C GLY A 49 5.13 -7.64 0.16
N TYR A 50 6.04 -8.60 -0.06
CA TYR A 50 5.65 -9.97 -0.34
C TYR A 50 4.72 -10.53 0.73
N LEU A 51 3.72 -11.30 0.31
CA LEU A 51 2.76 -11.94 1.20
C LEU A 51 2.84 -13.46 1.01
N ALA A 52 3.75 -14.08 1.76
CA ALA A 52 4.01 -15.53 1.67
C ALA A 52 2.77 -16.36 1.94
N HIS A 53 1.72 -15.78 2.52
CA HIS A 53 0.51 -16.48 2.89
C HIS A 53 -0.70 -16.05 2.07
N GLN A 54 -0.49 -15.23 1.03
CA GLN A 54 -1.40 -15.24 -0.11
C GLN A 54 -1.13 -16.42 -1.04
N LYS A 55 0.11 -16.91 -1.08
CA LYS A 55 0.44 -18.17 -1.72
C LYS A 55 0.14 -19.33 -0.77
N VAL A 56 -0.25 -20.47 -1.34
CA VAL A 56 -0.58 -21.64 -0.51
C VAL A 56 0.23 -22.87 -0.87
N PRO A 57 1.13 -23.31 -0.01
CA PRO A 57 2.02 -24.42 -0.35
C PRO A 57 1.28 -25.73 -0.31
N GLY A 58 1.48 -26.55 -1.35
CA GLY A 58 0.75 -27.78 -1.53
C GLY A 58 1.51 -28.70 -2.46
N PHE A 59 0.96 -29.89 -2.67
CA PHE A 59 1.64 -30.86 -3.50
C PHE A 59 0.64 -31.62 -4.35
N THR A 60 0.97 -31.81 -5.63
CA THR A 60 0.22 -32.76 -6.45
C THR A 60 0.51 -34.15 -5.96
N CYS A 61 -0.47 -35.02 -6.18
CA CYS A 61 -0.39 -36.43 -5.81
C CYS A 61 -1.00 -37.25 -6.94
N THR A 62 -0.15 -37.97 -7.69
CA THR A 62 -0.58 -38.83 -8.78
C THR A 62 -0.37 -40.27 -8.40
N GLY A 63 -1.35 -41.13 -8.79
CA GLY A 63 -1.24 -42.55 -8.58
C GLY A 63 -0.87 -43.28 -9.82
N VAL A 64 0.27 -43.98 -9.78
CA VAL A 64 0.74 -44.83 -10.86
C VAL A 64 0.76 -46.26 -10.36
N VAL A 65 0.69 -47.21 -11.28
CA VAL A 65 0.99 -48.60 -10.97
C VAL A 65 1.73 -49.21 -12.15
N ASN A 66 2.87 -49.85 -11.87
CA ASN A 66 3.74 -50.46 -12.88
C ASN A 66 3.62 -51.98 -12.83
N GLU A 67 2.99 -52.57 -13.87
CA GLU A 67 2.90 -54.00 -14.02
C GLU A 67 4.03 -54.51 -14.90
N ALA A 68 4.60 -55.67 -14.55
CA ALA A 68 5.66 -56.29 -15.34
C ALA A 68 5.37 -57.78 -15.48
N GLU A 69 4.96 -58.20 -16.69
CA GLU A 69 4.66 -59.60 -16.98
C GLU A 69 5.93 -60.26 -17.51
N THR A 70 6.49 -61.18 -16.75
CA THR A 70 7.72 -61.88 -17.13
C THR A 70 7.34 -63.31 -17.56
N TYR A 71 7.08 -63.48 -18.86
CA TYR A 71 6.76 -64.75 -19.48
C TYR A 71 8.01 -65.38 -20.07
N THR A 72 8.06 -66.71 -20.14
CA THR A 72 9.09 -67.40 -20.92
C THR A 72 8.59 -67.68 -22.34
N ASN A 73 9.33 -67.17 -23.33
CA ASN A 73 8.86 -67.06 -24.71
C ASN A 73 8.58 -68.41 -25.37
N GLY A 74 9.05 -69.50 -24.79
CA GLY A 74 9.09 -70.76 -25.49
C GLY A 74 10.30 -70.95 -26.39
N ASN A 75 11.03 -69.86 -26.67
CA ASN A 75 12.34 -69.91 -27.30
C ASN A 75 13.44 -70.28 -26.30
N GLY A 76 13.06 -70.63 -25.08
CA GLY A 76 13.97 -70.51 -23.96
C GLY A 76 14.26 -69.08 -23.56
N SER A 77 13.58 -68.09 -24.16
CA SER A 77 13.81 -66.69 -23.83
C SER A 77 13.14 -66.39 -22.50
N VAL A 78 13.74 -65.54 -21.68
CA VAL A 78 13.01 -64.90 -20.59
C VAL A 78 12.72 -63.48 -21.03
N THR A 79 11.43 -63.17 -21.20
CA THR A 79 10.99 -61.87 -21.71
C THR A 79 10.16 -61.18 -20.64
N THR A 80 10.23 -59.86 -20.61
CA THR A 80 9.46 -59.06 -19.67
C THR A 80 8.73 -58.00 -20.47
N THR A 81 7.43 -57.85 -20.21
CA THR A 81 6.60 -56.84 -20.84
C THR A 81 6.07 -55.93 -19.75
N PHE A 82 6.27 -54.61 -19.91
CA PHE A 82 5.83 -53.63 -18.91
C PHE A 82 4.57 -52.91 -19.39
N LYS A 83 3.64 -52.72 -18.46
CA LYS A 83 2.50 -51.83 -18.66
C LYS A 83 2.55 -50.77 -17.56
N ARG A 84 2.26 -49.53 -17.94
CA ARG A 84 2.13 -48.49 -16.94
C ARG A 84 0.78 -47.81 -17.09
N LYS A 85 0.01 -47.77 -16.00
CA LYS A 85 -1.23 -47.03 -16.02
C LYS A 85 -1.44 -46.36 -14.68
N HIS A 86 -2.47 -45.53 -14.67
CA HIS A 86 -2.82 -44.64 -13.58
C HIS A 86 -3.97 -45.20 -12.75
N PHE A 87 -4.34 -44.44 -11.73
CA PHE A 87 -5.42 -44.75 -10.82
C PHE A 87 -5.64 -43.53 -9.92
N ARG A 88 -6.78 -43.51 -9.23
CA ARG A 88 -7.06 -42.25 -8.52
C ARG A 88 -6.81 -42.38 -7.04
N PRO A 89 -6.00 -41.50 -6.47
CA PRO A 89 -5.65 -41.62 -5.05
C PRO A 89 -6.74 -41.09 -4.12
N THR A 90 -6.70 -41.61 -2.91
CA THR A 90 -7.52 -41.09 -1.83
C THR A 90 -6.67 -40.14 -0.98
N VAL A 91 -7.33 -39.11 -0.43
CA VAL A 91 -6.60 -38.05 0.27
C VAL A 91 -5.79 -38.63 1.40
N ALA A 92 -6.35 -39.60 2.14
CA ALA A 92 -5.67 -40.11 3.31
C ALA A 92 -4.38 -40.80 2.90
N ALA A 93 -4.41 -41.57 1.81
CA ALA A 93 -3.18 -42.15 1.28
C ALA A 93 -2.14 -41.07 0.97
N CYS A 94 -2.56 -40.08 0.19
CA CYS A 94 -1.62 -39.02 -0.24
C CYS A 94 -0.94 -38.33 0.92
N ARG A 95 -1.70 -38.02 1.97
CA ARG A 95 -1.09 -37.42 3.15
C ARG A 95 0.00 -38.33 3.71
N ASP A 96 -0.32 -39.61 3.95
CA ASP A 96 0.67 -40.55 4.51
C ASP A 96 1.89 -40.62 3.62
N ALA A 97 1.70 -40.59 2.30
CA ALA A 97 2.84 -40.64 1.39
C ALA A 97 3.71 -39.40 1.53
N TYR A 98 3.08 -38.23 1.64
CA TYR A 98 3.81 -36.97 1.78
C TYR A 98 4.58 -36.95 3.09
N ASN A 99 3.95 -37.32 4.18
CA ASN A 99 4.61 -37.31 5.46
C ASN A 99 5.80 -38.23 5.40
N TRP A 100 5.64 -39.33 4.68
CA TRP A 100 6.69 -40.32 4.52
C TRP A 100 7.88 -39.67 3.83
N LYS A 101 7.61 -38.90 2.79
CA LYS A 101 8.65 -38.21 2.02
C LYS A 101 9.45 -37.12 2.71
N VAL A 102 8.80 -36.28 3.48
CA VAL A 102 9.47 -35.15 4.11
C VAL A 102 10.62 -35.60 5.02
N SER A 103 10.55 -36.79 5.60
CA SER A 103 11.67 -37.34 6.35
C SER A 103 12.11 -38.61 5.66
N GLY A 104 13.41 -38.66 5.39
CA GLY A 104 13.98 -39.78 4.68
C GLY A 104 13.66 -41.06 5.39
N ASP A 105 13.41 -42.04 4.54
CA ASP A 105 13.08 -43.40 4.93
C ASP A 105 13.50 -44.19 3.70
N PRO A 106 12.60 -45.07 3.27
CA PRO A 106 12.53 -45.95 2.12
C PRO A 106 11.37 -45.38 1.34
N ARG A 107 11.65 -44.64 0.31
CA ARG A 107 10.59 -43.99 -0.44
C ARG A 107 10.80 -44.27 -1.93
N TYR A 108 9.67 -44.36 -2.65
CA TYR A 108 9.53 -44.68 -4.10
C TYR A 108 9.75 -46.17 -4.42
N GLU A 109 10.91 -46.72 -4.04
CA GLU A 109 11.26 -48.13 -4.26
C GLU A 109 10.84 -48.74 -5.61
N ASP A 118 13.42 -60.76 -11.42
CA ASP A 118 12.30 -61.62 -11.04
C ASP A 118 12.54 -63.05 -11.50
N SER A 119 12.10 -64.01 -10.66
CA SER A 119 12.44 -65.43 -10.86
C SER A 119 12.04 -65.94 -12.24
N SER A 120 12.94 -66.72 -12.86
CA SER A 120 12.66 -67.29 -14.16
C SER A 120 11.54 -68.31 -14.07
N GLY A 121 11.70 -69.30 -13.19
CA GLY A 121 10.99 -70.51 -13.51
C GLY A 121 11.59 -71.05 -14.81
N SER A 122 10.86 -71.96 -15.43
CA SER A 122 11.12 -72.31 -16.82
C SER A 122 9.79 -72.16 -17.55
N ARG A 123 8.72 -72.49 -16.87
CA ARG A 123 7.40 -72.49 -17.49
C ARG A 123 6.35 -71.91 -16.54
N THR A 124 6.69 -70.80 -15.90
CA THR A 124 5.73 -70.03 -15.12
C THR A 124 5.85 -68.59 -15.55
N VAL A 125 4.70 -67.90 -15.61
CA VAL A 125 4.65 -66.47 -15.90
C VAL A 125 4.47 -65.71 -14.59
N THR A 126 5.13 -64.56 -14.47
CA THR A 126 5.16 -63.84 -13.21
C THR A 126 4.87 -62.36 -13.43
N THR A 127 3.96 -61.83 -12.62
CA THR A 127 3.43 -60.48 -12.77
C THR A 127 3.51 -59.76 -11.43
N THR A 128 4.40 -58.76 -11.35
CA THR A 128 4.53 -57.92 -10.16
C THR A 128 3.79 -56.61 -10.40
N LYS A 129 2.90 -56.24 -9.49
CA LYS A 129 2.08 -55.05 -9.65
C LYS A 129 2.39 -54.03 -8.54
N GLU A 130 3.18 -52.98 -8.83
CA GLU A 130 3.61 -52.00 -7.83
C GLU A 130 2.79 -50.71 -7.91
N SER A 131 2.24 -50.28 -6.78
CA SER A 131 1.24 -49.22 -6.78
C SER A 131 1.72 -47.89 -6.20
N LEU A 132 2.68 -47.20 -6.82
CA LEU A 132 3.22 -45.94 -6.28
C LEU A 132 2.23 -44.76 -6.34
N LEU A 133 2.38 -43.83 -5.37
CA LEU A 133 1.92 -42.43 -5.46
C LEU A 133 3.11 -41.48 -5.50
N ILE A 134 3.16 -40.59 -6.53
CA ILE A 134 4.25 -39.63 -6.69
C ILE A 134 3.79 -38.25 -6.25
N ILE A 135 4.71 -37.51 -5.64
CA ILE A 135 4.41 -36.35 -4.81
C ILE A 135 5.36 -35.23 -5.15
N SER A 136 4.90 -34.29 -5.98
CA SER A 136 5.76 -33.16 -6.27
C SER A 136 5.16 -31.87 -5.73
N PRO A 137 5.98 -31.00 -5.17
CA PRO A 137 5.45 -29.75 -4.59
C PRO A 137 4.82 -28.87 -5.66
N SER A 138 3.66 -28.30 -5.34
CA SER A 138 2.90 -27.48 -6.27
C SER A 138 2.23 -26.34 -5.54
N ILE A 139 2.57 -25.10 -5.89
CA ILE A 139 2.11 -23.93 -5.14
C ILE A 139 0.90 -23.35 -5.86
N VAL A 140 -0.10 -22.93 -5.10
CA VAL A 140 -1.31 -22.37 -5.67
C VAL A 140 -1.65 -21.07 -4.95
N GLU A 141 -2.38 -20.19 -5.64
CA GLU A 141 -2.59 -18.83 -5.20
C GLU A 141 -3.94 -18.69 -4.52
N MET A 142 -4.05 -17.69 -3.64
CA MET A 142 -5.32 -17.37 -2.99
C MET A 142 -5.72 -15.92 -3.21
N ASP A 143 -7.02 -15.69 -3.30
CA ASP A 143 -7.65 -14.40 -3.49
C ASP A 143 -8.00 -13.90 -2.10
N ILE A 144 -7.22 -12.96 -1.58
CA ILE A 144 -7.48 -12.56 -0.20
C ILE A 144 -8.77 -11.76 -0.06
N TYR A 145 -9.32 -11.24 -1.16
CA TYR A 145 -10.61 -10.56 -1.07
C TYR A 145 -11.71 -11.47 -0.56
N GLY A 146 -11.52 -12.78 -0.64
CA GLY A 146 -12.55 -13.73 -0.27
C GLY A 146 -11.93 -15.09 -0.50
N ARG A 147 -11.98 -15.98 0.47
CA ARG A 147 -11.02 -17.08 0.48
C ARG A 147 -11.42 -18.16 -0.52
N THR A 148 -10.99 -17.96 -1.76
CA THR A 148 -11.01 -18.98 -2.78
C THR A 148 -9.57 -19.16 -3.25
N LEU A 149 -9.35 -20.26 -3.99
CA LEU A 149 -8.00 -20.83 -4.08
C LEU A 149 -7.70 -21.27 -5.53
N HIS A 150 -7.08 -20.39 -6.31
CA HIS A 150 -7.08 -20.56 -7.76
C HIS A 150 -5.73 -21.03 -8.32
N SER A 151 -5.82 -21.80 -9.39
CA SER A 151 -4.70 -22.37 -10.13
C SER A 151 -5.21 -22.83 -11.49
N PRO A 152 -4.33 -22.96 -12.49
CA PRO A 152 -4.77 -23.50 -13.78
C PRO A 152 -4.83 -25.01 -13.86
N MET A 153 -4.32 -25.74 -12.86
CA MET A 153 -4.58 -27.18 -12.87
C MET A 153 -6.00 -27.50 -12.41
N PHE A 154 -6.64 -26.63 -11.64
CA PHE A 154 -8.03 -26.83 -11.26
C PHE A 154 -8.93 -26.55 -12.45
N PRO A 155 -10.02 -27.32 -12.62
CA PRO A 155 -10.68 -27.36 -13.92
C PRO A 155 -11.42 -26.08 -14.30
N SER A 156 -11.97 -25.35 -13.35
CA SER A 156 -12.54 -24.04 -13.64
C SER A 156 -11.63 -22.92 -13.17
N GLY A 157 -10.37 -23.23 -12.91
CA GLY A 157 -9.51 -22.26 -12.29
C GLY A 157 -9.69 -22.08 -10.81
N VAL A 158 -10.68 -22.71 -10.20
CA VAL A 158 -11.00 -22.50 -8.79
C VAL A 158 -11.05 -23.84 -8.08
N CYS A 159 -10.58 -23.88 -6.84
CA CYS A 159 -10.57 -25.13 -6.07
C CYS A 159 -11.96 -25.70 -5.91
N SER A 160 -12.02 -27.04 -5.78
CA SER A 160 -13.29 -27.71 -5.57
C SER A 160 -13.78 -27.60 -4.13
N ASN A 161 -12.90 -27.34 -3.16
CA ASN A 161 -13.29 -26.98 -1.81
C ASN A 161 -12.91 -25.52 -1.57
N VAL A 162 -13.10 -25.06 -0.35
CA VAL A 162 -13.01 -23.64 -0.06
C VAL A 162 -12.67 -23.44 1.41
N TYR A 163 -11.85 -22.44 1.70
CA TYR A 163 -11.39 -22.17 3.06
C TYR A 163 -12.58 -22.19 4.02
N PRO A 164 -12.42 -22.75 5.24
CA PRO A 164 -11.24 -23.28 5.92
C PRO A 164 -11.06 -24.80 5.81
N SER A 165 -11.78 -25.42 4.89
CA SER A 165 -11.83 -26.88 4.83
C SER A 165 -11.48 -27.32 3.41
N VAL A 166 -10.18 -27.51 3.17
CA VAL A 166 -9.67 -27.95 1.87
C VAL A 166 -8.89 -29.25 2.03
N PRO A 167 -9.58 -30.40 2.05
CA PRO A 167 -8.86 -31.67 2.10
C PRO A 167 -8.09 -31.93 0.81
N SER A 168 -8.57 -31.35 -0.28
CA SER A 168 -8.08 -31.63 -1.62
C SER A 168 -8.75 -30.72 -2.64
N CYS A 169 -7.99 -30.09 -3.50
CA CYS A 169 -8.54 -29.53 -4.73
C CYS A 169 -8.47 -30.54 -5.87
N GLU A 170 -9.44 -30.43 -6.77
CA GLU A 170 -9.57 -31.32 -7.90
C GLU A 170 -8.76 -30.76 -9.04
N THR A 171 -7.96 -31.60 -9.68
CA THR A 171 -7.16 -31.11 -10.81
C THR A 171 -7.76 -31.62 -12.11
N ASN A 172 -7.05 -31.36 -13.19
CA ASN A 172 -7.57 -31.65 -14.51
C ASN A 172 -7.36 -33.09 -14.90
N HIS A 173 -6.55 -33.81 -14.13
CA HIS A 173 -6.21 -35.20 -14.41
C HIS A 173 -6.83 -36.06 -13.32
N ASP A 174 -7.79 -36.90 -13.71
CA ASP A 174 -8.54 -37.72 -12.76
C ASP A 174 -7.63 -38.50 -11.83
N TYR A 175 -6.39 -38.72 -12.23
CA TYR A 175 -5.43 -39.47 -11.45
C TYR A 175 -4.52 -38.57 -10.60
N THR A 176 -4.67 -37.25 -10.66
CA THR A 176 -3.86 -36.36 -9.83
C THR A 176 -4.73 -35.43 -9.01
N LEU A 177 -4.50 -35.40 -7.70
CA LEU A 177 -5.17 -34.47 -6.80
C LEU A 177 -4.14 -33.53 -6.18
N TRP A 178 -4.59 -32.36 -5.76
CA TRP A 178 -3.73 -31.42 -5.07
C TRP A 178 -4.13 -31.38 -3.61
N LEU A 179 -3.15 -31.63 -2.74
CA LEU A 179 -3.32 -31.43 -1.30
C LEU A 179 -2.50 -30.23 -0.83
N PRO A 180 -2.94 -29.54 0.22
CA PRO A 180 -2.10 -28.51 0.84
C PRO A 180 -1.12 -29.06 1.85
N GLU A 181 0.04 -28.41 1.94
CA GLU A 181 1.06 -28.80 2.90
C GLU A 181 0.50 -28.87 4.32
N ASP A 182 -0.17 -27.80 4.74
CA ASP A 182 -0.72 -27.75 6.10
C ASP A 182 -2.23 -27.99 6.09
N PRO A 183 -2.70 -29.21 6.33
CA PRO A 183 -4.12 -29.50 6.12
C PRO A 183 -5.02 -28.59 6.91
N SER A 184 -4.46 -27.90 7.92
CA SER A 184 -5.20 -26.93 8.73
C SER A 184 -5.53 -25.68 7.97
N LEU A 185 -4.67 -25.28 7.05
CA LEU A 185 -4.75 -23.93 6.51
C LEU A 185 -4.66 -22.89 7.64
N SER A 186 -3.78 -23.17 8.60
CA SER A 186 -3.74 -22.37 9.82
C SER A 186 -2.87 -21.14 9.68
N LEU A 187 -1.85 -21.18 8.83
CA LEU A 187 -1.05 -19.99 8.53
C LEU A 187 -1.63 -19.21 7.37
N VAL A 188 -2.67 -19.73 6.70
CA VAL A 188 -2.93 -19.26 5.35
C VAL A 188 -3.77 -17.99 5.32
N CYS A 189 -3.99 -17.36 6.46
CA CYS A 189 -4.26 -15.94 6.27
C CYS A 189 -3.58 -15.06 7.31
N ASP A 190 -2.36 -15.44 7.71
CA ASP A 190 -1.45 -14.57 8.44
C ASP A 190 -0.79 -13.61 7.45
N ILE A 191 -1.56 -12.61 7.01
CA ILE A 191 -0.96 -11.63 6.10
C ILE A 191 -1.00 -10.21 6.66
N PHE A 192 -0.95 -10.07 7.97
CA PHE A 192 -1.19 -8.77 8.58
C PHE A 192 -0.10 -8.45 9.58
N THR A 193 0.29 -7.20 9.63
CA THR A 193 1.13 -6.72 10.72
C THR A 193 0.31 -5.78 11.59
N SER A 194 0.78 -5.56 12.82
CA SER A 194 0.22 -4.51 13.65
C SER A 194 1.26 -3.40 13.74
N SER A 195 0.86 -2.18 13.37
CA SER A 195 1.74 -1.02 13.30
C SER A 195 1.19 0.02 14.26
N ASN A 196 2.01 1.00 14.60
N ASN A 196 2.04 0.97 14.64
CA ASN A 196 1.63 2.01 15.57
CA ASN A 196 1.66 2.03 15.58
C ASN A 196 1.50 3.36 14.88
C ASN A 196 1.47 3.32 14.80
N GLY A 197 0.30 3.94 14.93
CA GLY A 197 -0.01 5.17 14.24
C GLY A 197 -0.46 6.23 15.22
N LYS A 198 -0.68 7.43 14.69
CA LYS A 198 -1.12 8.57 15.49
C LYS A 198 -2.44 9.07 14.92
N LYS A 199 -3.49 8.98 15.73
CA LYS A 199 -4.87 9.24 15.32
C LYS A 199 -5.18 10.70 15.57
N ALA A 200 -5.74 11.38 14.58
CA ALA A 200 -6.02 12.81 14.70
C ALA A 200 -7.49 13.00 15.05
N MET A 201 -7.77 13.64 16.19
CA MET A 201 -9.15 13.71 16.65
C MET A 201 -9.56 15.14 17.01
N ASN A 202 -10.87 15.25 17.29
CA ASN A 202 -11.50 16.46 17.85
C ASN A 202 -12.51 15.95 18.88
N GLY A 203 -12.12 15.94 20.14
CA GLY A 203 -12.93 15.22 21.11
C GLY A 203 -13.09 13.76 20.74
N SER A 204 -14.31 13.35 20.36
CA SER A 204 -14.59 11.96 19.99
C SER A 204 -14.35 11.67 18.51
N ARG A 205 -14.54 12.67 17.65
CA ARG A 205 -14.58 12.46 16.22
C ARG A 205 -13.20 12.11 15.67
N ILE A 206 -13.15 11.16 14.75
CA ILE A 206 -11.90 10.69 14.17
C ILE A 206 -11.84 11.14 12.72
N CYS A 207 -10.82 11.93 12.40
CA CYS A 207 -10.76 12.53 11.08
C CYS A 207 -9.72 11.89 10.21
N GLY A 208 -8.76 11.20 10.81
CA GLY A 208 -7.75 10.53 10.03
C GLY A 208 -6.65 10.03 10.94
N PHE A 209 -5.61 9.49 10.32
CA PHE A 209 -4.48 9.06 11.11
C PHE A 209 -3.20 9.26 10.31
N LYS A 210 -2.09 9.28 11.03
CA LYS A 210 -0.78 9.13 10.42
C LYS A 210 -0.38 7.69 10.67
N ASP A 211 0.06 7.00 9.60
CA ASP A 211 0.46 5.60 9.71
C ASP A 211 1.87 5.56 10.30
N GLU A 212 2.37 4.33 10.54
CA GLU A 212 3.64 4.13 11.24
C GLU A 212 4.77 4.97 10.67
N ARG A 213 4.64 5.45 9.42
CA ARG A 213 5.66 6.31 8.81
C ARG A 213 5.47 7.79 9.06
N GLY A 214 4.30 8.21 9.53
CA GLY A 214 4.02 9.63 9.73
C GLY A 214 3.14 10.25 8.68
N PHE A 215 2.72 9.47 7.68
CA PHE A 215 1.98 10.00 6.54
C PHE A 215 0.51 10.07 6.88
N TYR A 216 -0.09 11.23 6.67
CA TYR A 216 -1.47 11.40 7.10
C TYR A 216 -2.44 11.01 5.98
N ARG A 217 -3.49 10.28 6.35
CA ARG A 217 -4.60 10.00 5.46
C ARG A 217 -5.91 10.38 6.15
N SER A 218 -6.83 10.91 5.35
CA SER A 218 -8.12 11.31 5.86
C SER A 218 -9.07 10.13 5.79
N LEU A 219 -9.95 10.04 6.78
CA LEU A 219 -10.97 9.01 6.70
C LEU A 219 -12.12 9.36 5.79
N LYS A 220 -12.21 10.60 5.31
CA LYS A 220 -13.38 10.97 4.52
C LYS A 220 -13.45 10.11 3.26
N GLY A 221 -14.67 9.68 2.93
CA GLY A 221 -14.89 8.78 1.81
C GLY A 221 -14.25 7.40 1.91
N ALA A 222 -14.38 6.73 3.04
CA ALA A 222 -13.70 5.47 3.29
C ALA A 222 -14.77 4.41 3.41
N CYS A 223 -14.68 3.37 2.60
CA CYS A 223 -15.67 2.32 2.71
C CYS A 223 -15.14 1.11 3.48
N LYS A 224 -16.06 0.31 4.00
CA LYS A 224 -15.71 -0.89 4.76
C LYS A 224 -15.38 -2.05 3.83
N LEU A 225 -14.31 -2.77 4.14
CA LEU A 225 -13.91 -3.91 3.31
C LEU A 225 -13.29 -5.01 4.17
N THR A 226 -13.74 -6.23 3.97
CA THR A 226 -13.17 -7.36 4.71
C THR A 226 -12.15 -8.07 3.83
N LEU A 227 -10.95 -8.23 4.37
CA LEU A 227 -9.82 -8.80 3.65
C LEU A 227 -9.36 -10.04 4.41
N CYS A 228 -9.49 -11.18 3.75
CA CYS A 228 -8.98 -12.47 4.21
C CYS A 228 -9.34 -12.75 5.66
N GLY A 229 -10.61 -12.50 6.00
CA GLY A 229 -11.12 -12.71 7.32
C GLY A 229 -11.13 -11.47 8.20
N ARG A 230 -10.22 -10.49 7.94
CA ARG A 230 -10.32 -9.40 8.91
C ARG A 230 -11.10 -8.24 8.34
N PRO A 231 -12.09 -7.72 9.07
CA PRO A 231 -12.82 -6.56 8.57
C PRO A 231 -12.11 -5.24 8.84
N GLY A 232 -11.51 -4.69 7.79
CA GLY A 232 -10.96 -3.36 7.82
C GLY A 232 -11.78 -2.36 7.05
N ILE A 233 -11.13 -1.27 6.66
CA ILE A 233 -11.77 -0.22 5.89
C ILE A 233 -10.80 0.16 4.79
N ARG A 234 -11.36 0.59 3.66
CA ARG A 234 -10.57 1.05 2.51
C ARG A 234 -10.55 2.58 2.53
N LEU A 235 -9.35 3.14 2.58
CA LEU A 235 -9.16 4.57 2.58
C LEU A 235 -9.25 5.09 1.15
N PHE A 236 -9.74 6.33 1.00
CA PHE A 236 -10.01 6.87 -0.33
C PHE A 236 -8.90 6.52 -1.32
N ASP A 237 -7.64 6.77 -0.92
CA ASP A 237 -6.49 6.68 -1.78
C ASP A 237 -6.21 5.24 -2.21
N GLY A 238 -6.86 4.28 -1.57
CA GLY A 238 -6.82 2.90 -1.99
C GLY A 238 -6.24 1.96 -0.96
N THR A 239 -5.63 2.46 0.11
CA THR A 239 -4.99 1.58 1.07
C THR A 239 -5.94 1.14 2.17
N TRP A 240 -5.62 0.00 2.79
CA TRP A 240 -6.53 -0.74 3.68
C TRP A 240 -5.89 -0.93 5.03
N VAL A 241 -6.65 -0.62 6.07
CA VAL A 241 -6.21 -0.76 7.46
C VAL A 241 -7.43 -1.17 8.29
N SER A 242 -7.18 -1.83 9.41
CA SER A 242 -8.24 -2.19 10.33
C SER A 242 -7.87 -1.68 11.72
N PHE A 243 -8.82 -1.03 12.39
CA PHE A 243 -8.66 -0.64 13.79
C PHE A 243 -10.05 -0.55 14.39
N THR A 244 -10.11 -0.34 15.71
CA THR A 244 -11.25 -0.84 16.49
C THR A 244 -12.54 -0.04 16.24
N LYS A 245 -12.52 1.27 16.37
CA LYS A 245 -13.73 2.07 16.21
C LYS A 245 -13.56 3.01 15.02
N PRO A 246 -13.75 2.50 13.81
CA PRO A 246 -13.44 3.35 12.63
C PRO A 246 -14.40 4.52 12.46
N ASP A 247 -15.66 4.40 12.87
CA ASP A 247 -16.68 5.38 12.53
C ASP A 247 -16.98 5.38 11.03
N VAL A 248 -16.63 4.30 10.33
CA VAL A 248 -16.93 4.12 8.91
C VAL A 248 -18.13 3.17 8.80
N HIS A 249 -19.08 3.52 7.91
CA HIS A 249 -20.39 2.89 7.91
C HIS A 249 -20.91 2.48 6.53
N VAL A 250 -20.14 2.66 5.46
CA VAL A 250 -20.58 2.34 4.09
C VAL A 250 -19.73 1.18 3.57
N TRP A 251 -20.36 0.03 3.32
CA TRP A 251 -19.63 -1.06 2.68
C TRP A 251 -19.19 -0.65 1.27
N CYS A 252 -18.15 -1.31 0.77
CA CYS A 252 -17.62 -1.03 -0.56
C CYS A 252 -18.38 -1.74 -1.67
N THR A 253 -18.38 -1.13 -2.91
CA THR A 253 -18.80 -1.96 -4.04
C THR A 253 -17.66 -2.92 -4.42
N PRO A 254 -17.97 -4.19 -4.71
CA PRO A 254 -16.89 -5.20 -4.92
C PRO A 254 -15.97 -4.87 -6.07
N ASN A 255 -16.44 -4.06 -7.02
CA ASN A 255 -15.58 -3.28 -7.90
C ASN A 255 -14.32 -2.81 -7.21
N GLN A 256 -14.48 -2.21 -6.02
CA GLN A 256 -13.37 -1.54 -5.35
C GLN A 256 -12.30 -2.53 -4.94
N LEU A 257 -11.05 -2.10 -5.11
CA LEU A 257 -9.91 -2.86 -4.66
C LEU A 257 -9.06 -1.98 -3.77
N ILE A 258 -8.29 -2.64 -2.92
CA ILE A 258 -7.24 -2.02 -2.13
C ILE A 258 -5.92 -2.04 -2.89
N ASN A 259 -4.87 -1.49 -2.28
CA ASN A 259 -3.53 -1.42 -2.85
C ASN A 259 -2.61 -2.38 -2.10
N ILE A 260 -1.44 -2.67 -2.69
CA ILE A 260 -0.48 -3.49 -1.97
C ILE A 260 0.21 -2.60 -0.96
N HIS A 261 1.15 -3.16 -0.22
CA HIS A 261 1.97 -2.43 0.73
C HIS A 261 3.44 -2.66 0.41
N ASN A 262 3.89 -2.27 -0.80
CA ASN A 262 5.29 -2.47 -1.16
C ASN A 262 6.22 -1.56 -0.35
N ASP A 263 7.50 -1.92 -0.35
N ASP A 263 7.50 -1.92 -0.34
CA ASP A 263 8.45 -1.23 0.51
CA ASP A 263 8.44 -1.23 0.52
C ASP A 263 8.71 0.18 0.01
C ASP A 263 8.72 0.18 0.03
N ARG A 264 8.68 0.43 -1.29
CA ARG A 264 9.07 1.76 -1.75
C ARG A 264 7.97 2.78 -1.51
N LEU A 265 6.72 2.33 -1.40
CA LEU A 265 5.70 3.21 -0.85
C LEU A 265 6.11 3.70 0.54
N ASP A 266 6.32 2.76 1.47
CA ASP A 266 6.71 3.07 2.85
C ASP A 266 7.96 3.94 2.88
N GLU A 267 8.95 3.61 2.05
CA GLU A 267 10.13 4.46 1.87
C GLU A 267 9.74 5.87 1.42
N ILE A 268 9.00 5.98 0.32
CA ILE A 268 8.73 7.32 -0.23
C ILE A 268 7.82 8.10 0.68
N GLU A 269 6.89 7.42 1.35
CA GLU A 269 6.14 8.04 2.43
C GLU A 269 7.09 8.76 3.40
N HIS A 270 8.08 8.03 3.90
CA HIS A 270 8.98 8.62 4.88
C HIS A 270 9.70 9.83 4.31
N LEU A 271 9.99 9.81 3.00
CA LEU A 271 10.67 10.95 2.41
C LEU A 271 9.80 12.20 2.51
N ILE A 272 8.49 12.05 2.27
CA ILE A 272 7.51 13.13 2.35
C ILE A 272 7.51 13.74 3.74
N VAL A 273 7.52 12.87 4.76
CA VAL A 273 7.38 13.31 6.14
C VAL A 273 8.63 14.02 6.62
N GLU A 274 9.81 13.62 6.14
CA GLU A 274 11.00 14.39 6.48
C GLU A 274 11.07 15.68 5.69
N ASP A 275 10.39 15.73 4.56
CA ASP A 275 10.30 16.99 3.83
C ASP A 275 9.50 18.04 4.60
N ILE A 276 8.38 17.63 5.20
CA ILE A 276 7.57 18.55 5.99
C ILE A 276 8.36 19.01 7.20
N ILE A 277 9.08 18.07 7.82
CA ILE A 277 9.97 18.42 8.93
C ILE A 277 10.97 19.48 8.49
N LYS A 278 11.55 19.33 7.28
CA LYS A 278 12.70 20.17 6.97
C LYS A 278 12.28 21.59 6.67
N LYS A 279 11.05 21.78 6.15
CA LYS A 279 10.53 23.13 6.01
C LYS A 279 10.29 23.78 7.38
N ARG A 280 9.83 23.00 8.36
CA ARG A 280 9.70 23.54 9.71
C ARG A 280 11.05 23.77 10.38
N GLU A 281 12.08 22.99 10.08
CA GLU A 281 13.41 23.40 10.52
C GLU A 281 13.80 24.71 9.86
N GLU A 282 13.62 24.82 8.54
CA GLU A 282 14.14 25.94 7.80
C GLU A 282 13.44 27.25 8.15
N CYS A 283 12.21 27.17 8.67
CA CYS A 283 11.46 28.35 9.07
C CYS A 283 11.98 28.90 10.40
N LEU A 284 12.18 28.03 11.40
CA LEU A 284 12.82 28.49 12.64
C LEU A 284 14.24 28.97 12.36
N ASP A 285 15.00 28.24 11.55
CA ASP A 285 16.35 28.67 11.23
C ASP A 285 16.33 30.05 10.54
N THR A 286 15.39 30.27 9.63
CA THR A 286 15.26 31.61 9.06
C THR A 286 14.85 32.60 10.14
N LEU A 287 13.81 32.28 10.91
CA LEU A 287 13.33 33.22 11.93
C LEU A 287 14.41 33.50 12.97
N GLU A 288 15.37 32.58 13.11
CA GLU A 288 16.47 32.87 14.02
C GLU A 288 17.39 33.93 13.46
N THR A 289 17.95 33.69 12.28
CA THR A 289 18.77 34.68 11.63
C THR A 289 18.04 36.00 11.47
N ILE A 290 16.71 35.98 11.37
CA ILE A 290 15.96 37.24 11.32
C ILE A 290 16.08 38.00 12.63
N LEU A 291 15.92 37.31 13.77
CA LEU A 291 15.97 38.03 15.05
C LEU A 291 17.40 38.23 15.55
N MET A 292 18.34 37.35 15.18
CA MET A 292 19.70 37.43 15.68
C MET A 292 20.65 38.19 14.74
N SER A 293 20.28 38.37 13.48
CA SER A 293 20.89 39.33 12.58
C SER A 293 20.11 40.64 12.52
N GLN A 294 18.99 40.72 13.25
CA GLN A 294 17.98 41.79 13.21
C GLN A 294 17.75 42.39 11.82
N SER A 295 18.00 41.63 10.75
CA SER A 295 17.72 42.07 9.40
C SER A 295 16.82 41.04 8.73
N VAL A 296 15.60 41.45 8.39
CA VAL A 296 14.64 40.62 7.69
C VAL A 296 14.63 40.99 6.22
N SER A 297 14.92 40.02 5.38
CA SER A 297 15.02 40.20 3.95
C SER A 297 13.82 39.55 3.27
N PHE A 298 13.12 40.34 2.47
CA PHE A 298 11.80 39.94 1.96
C PHE A 298 11.83 38.61 1.22
N ARG A 299 12.94 38.30 0.53
CA ARG A 299 13.08 37.04 -0.20
C ARG A 299 12.65 35.86 0.67
N ARG A 300 12.97 35.93 1.97
CA ARG A 300 12.93 34.81 2.90
C ARG A 300 11.61 34.64 3.66
N LEU A 301 10.70 35.61 3.59
CA LEU A 301 9.38 35.43 4.20
C LEU A 301 8.66 34.21 3.65
N SER A 302 8.98 33.77 2.44
CA SER A 302 8.46 32.55 1.83
C SER A 302 8.35 31.37 2.80
N HIS A 303 9.16 31.39 3.86
CA HIS A 303 9.24 30.30 4.82
C HIS A 303 8.07 30.29 5.81
N PHE A 304 7.32 31.38 5.92
CA PHE A 304 6.26 31.47 6.91
C PHE A 304 4.90 31.09 6.35
N ARG A 305 4.83 30.78 5.06
CA ARG A 305 3.59 30.37 4.42
C ARG A 305 3.02 29.08 5.04
N LYS A 306 1.74 29.13 5.39
CA LYS A 306 1.06 27.98 5.98
C LYS A 306 0.86 26.90 4.92
N LEU A 307 1.60 25.81 5.03
CA LEU A 307 1.62 24.80 3.98
C LEU A 307 0.28 24.09 3.80
N VAL A 308 -0.46 23.92 4.88
CA VAL A 308 -1.78 23.26 4.91
C VAL A 308 -2.88 24.31 4.69
N PRO A 309 -4.02 23.94 4.08
CA PRO A 309 -5.16 24.88 4.05
C PRO A 309 -5.66 25.19 5.46
N GLY A 310 -6.21 26.39 5.62
CA GLY A 310 -6.76 26.77 6.90
C GLY A 310 -6.60 28.25 7.16
N TYR A 311 -6.83 28.62 8.42
CA TYR A 311 -6.62 29.99 8.84
C TYR A 311 -5.15 30.21 9.20
N GLY A 312 -4.68 31.44 9.00
CA GLY A 312 -3.30 31.73 9.29
C GLY A 312 -3.00 33.18 9.01
N LYS A 313 -1.71 33.49 9.00
CA LYS A 313 -1.26 34.84 8.72
C LYS A 313 -0.52 34.88 7.39
N ALA A 314 -0.41 36.09 6.84
CA ALA A 314 0.40 36.39 5.67
C ALA A 314 1.21 37.65 5.93
N TYR A 315 2.38 37.76 5.30
CA TYR A 315 3.43 38.69 5.71
C TYR A 315 4.00 39.45 4.51
N THR A 316 4.25 40.76 4.67
CA THR A 316 5.02 41.54 3.67
C THR A 316 5.84 42.63 4.35
N ILE A 317 6.58 43.39 3.54
CA ILE A 317 7.27 44.60 4.02
C ILE A 317 6.91 45.78 3.12
N LEU A 318 6.43 46.86 3.73
CA LEU A 318 6.07 48.08 3.01
C LEU A 318 6.44 49.30 3.85
N ASN A 319 6.46 50.47 3.20
CA ASN A 319 6.76 51.73 3.87
C ASN A 319 7.95 51.58 4.82
N GLY A 320 8.82 50.61 4.54
CA GLY A 320 9.95 50.27 5.40
C GLY A 320 9.66 49.30 6.53
N SER A 321 8.40 49.19 6.97
CA SER A 321 8.05 48.36 8.11
C SER A 321 7.71 46.94 7.68
N LEU A 322 7.50 46.08 8.66
CA LEU A 322 7.10 44.70 8.44
C LEU A 322 5.71 44.51 9.01
N MET A 323 4.92 43.63 8.38
CA MET A 323 3.49 43.67 8.70
C MET A 323 2.74 42.46 8.14
N GLU A 324 1.50 42.29 8.63
CA GLU A 324 0.77 41.02 8.58
C GLU A 324 -0.71 41.26 8.28
N THR A 325 -1.42 40.17 7.98
CA THR A 325 -2.88 40.17 7.95
C THR A 325 -3.34 38.72 8.08
N ASN A 326 -4.56 38.56 8.62
CA ASN A 326 -5.10 37.23 8.91
C ASN A 326 -6.02 36.76 7.79
N VAL A 327 -5.75 35.56 7.28
CA VAL A 327 -6.28 35.08 6.02
C VAL A 327 -6.89 33.69 6.21
N TYR A 328 -7.72 33.29 5.26
CA TYR A 328 -7.99 31.86 5.08
C TYR A 328 -7.21 31.36 3.86
N TYR A 329 -6.56 30.21 4.01
CA TYR A 329 -5.63 29.68 3.02
C TYR A 329 -6.34 28.66 2.12
N LYS A 330 -6.69 29.09 0.90
CA LYS A 330 -7.20 28.20 -0.15
C LYS A 330 -6.15 27.17 -0.51
N ARG A 331 -6.61 25.97 -0.84
CA ARG A 331 -5.75 24.99 -1.50
C ARG A 331 -5.47 25.44 -2.93
N VAL A 332 -4.21 25.36 -3.36
CA VAL A 332 -3.83 25.62 -4.75
C VAL A 332 -3.45 24.30 -5.42
N ASP A 333 -4.11 23.99 -6.52
CA ASP A 333 -3.91 22.72 -7.19
C ASP A 333 -3.04 22.83 -8.44
N LYS A 334 -3.27 23.81 -9.29
CA LYS A 334 -2.43 24.01 -10.46
C LYS A 334 -1.84 25.40 -10.39
N TRP A 335 -0.53 25.54 -10.70
CA TRP A 335 0.03 26.89 -10.72
C TRP A 335 -0.76 27.82 -11.61
N ALA A 336 -1.38 27.28 -12.66
CA ALA A 336 -2.03 28.18 -13.60
C ALA A 336 -3.29 28.81 -13.03
N ASP A 337 -3.81 28.28 -11.91
CA ASP A 337 -5.05 28.82 -11.34
C ASP A 337 -4.80 30.12 -10.61
N ILE A 338 -3.56 30.41 -10.28
CA ILE A 338 -3.24 31.68 -9.66
C ILE A 338 -2.36 32.55 -10.53
N LEU A 339 -1.78 32.03 -11.60
CA LEU A 339 -0.99 32.82 -12.54
C LEU A 339 -1.60 32.79 -13.94
N PRO A 340 -2.76 33.46 -14.17
CA PRO A 340 -3.39 33.36 -15.49
C PRO A 340 -2.75 34.27 -16.51
N SER A 341 -2.29 35.44 -16.11
CA SER A 341 -1.58 36.36 -16.98
C SER A 341 -0.12 36.37 -16.61
N LYS A 342 0.71 36.92 -17.47
CA LYS A 342 2.05 37.26 -17.01
C LYS A 342 1.95 38.45 -16.08
N GLY A 343 2.58 38.34 -14.91
CA GLY A 343 2.58 39.43 -13.98
C GLY A 343 1.39 39.48 -13.06
N CYS A 344 0.42 38.59 -13.23
CA CYS A 344 -0.79 38.59 -12.43
C CYS A 344 -0.80 37.44 -11.43
N LEU A 345 -1.20 37.76 -10.19
CA LEU A 345 -1.28 36.80 -9.07
C LEU A 345 -2.72 36.78 -8.57
N LYS A 346 -3.47 35.73 -8.88
CA LYS A 346 -4.92 35.77 -8.61
C LYS A 346 -5.20 35.49 -7.14
N VAL A 347 -5.35 36.58 -6.38
CA VAL A 347 -5.82 36.55 -5.00
C VAL A 347 -7.28 36.97 -4.98
N GLY A 348 -8.15 36.10 -4.51
CA GLY A 348 -9.55 36.44 -4.58
C GLY A 348 -10.03 36.68 -5.99
N GLN A 349 -10.31 37.93 -6.34
CA GLN A 349 -10.91 38.24 -7.64
C GLN A 349 -10.01 39.04 -8.57
N GLN A 350 -9.23 40.00 -8.06
CA GLN A 350 -8.35 40.79 -8.91
C GLN A 350 -6.94 40.21 -8.88
N CYS A 351 -6.09 40.75 -9.73
CA CYS A 351 -4.66 40.55 -9.58
C CYS A 351 -4.17 41.41 -8.41
N MET A 352 -2.94 41.14 -7.99
CA MET A 352 -2.39 41.70 -6.77
C MET A 352 -1.35 42.75 -7.15
N GLU A 353 -1.66 44.02 -6.97
CA GLU A 353 -0.72 45.01 -7.51
C GLU A 353 0.50 45.05 -6.61
N PRO A 354 1.68 44.70 -7.12
CA PRO A 354 2.88 44.71 -6.28
C PRO A 354 3.39 46.13 -6.12
N VAL A 355 3.75 46.48 -4.89
CA VAL A 355 4.30 47.80 -4.60
C VAL A 355 5.82 47.67 -4.64
N LYS A 356 6.43 48.52 -5.47
CA LYS A 356 7.86 48.50 -5.80
C LYS A 356 8.41 47.08 -5.80
N GLY A 357 7.70 46.21 -6.51
CA GLY A 357 8.17 44.87 -6.82
C GLY A 357 7.91 43.80 -5.78
N VAL A 358 7.08 44.05 -4.76
CA VAL A 358 6.83 43.02 -3.75
C VAL A 358 5.33 42.80 -3.53
N LEU A 359 5.00 41.55 -3.22
CA LEU A 359 3.68 41.08 -2.84
C LEU A 359 3.84 40.38 -1.51
N PHE A 360 2.92 39.52 -1.12
CA PHE A 360 3.09 38.89 0.19
C PHE A 360 3.88 37.58 0.10
N ASN A 361 4.31 37.12 1.28
CA ASN A 361 4.95 35.82 1.50
C ASN A 361 6.17 35.60 0.59
N GLY A 362 6.90 36.65 0.26
CA GLY A 362 8.11 36.45 -0.50
C GLY A 362 7.92 36.35 -1.99
N ILE A 363 6.74 36.65 -2.49
CA ILE A 363 6.51 36.59 -3.93
C ILE A 363 6.75 37.97 -4.52
N ILE A 364 7.64 38.03 -5.52
CA ILE A 364 8.02 39.29 -6.14
C ILE A 364 7.69 39.25 -7.62
N LYS A 365 7.68 40.45 -8.22
CA LYS A 365 7.73 40.62 -9.67
C LYS A 365 9.19 40.83 -10.06
N GLY A 366 9.80 39.80 -10.64
CA GLY A 366 11.17 39.89 -11.10
C GLY A 366 11.32 40.95 -12.18
N PRO A 367 12.56 41.23 -12.59
CA PRO A 367 12.78 42.34 -13.52
C PRO A 367 12.17 42.12 -14.90
N ASP A 368 11.80 40.88 -15.23
CA ASP A 368 11.21 40.60 -16.53
C ASP A 368 9.69 40.72 -16.50
N GLY A 369 9.12 40.92 -15.34
CA GLY A 369 7.69 41.12 -15.18
C GLY A 369 6.95 39.86 -14.78
N GLN A 370 7.66 38.79 -14.47
CA GLN A 370 7.01 37.54 -14.15
C GLN A 370 6.90 37.38 -12.63
N ILE A 371 5.92 36.60 -12.21
CA ILE A 371 5.62 36.48 -10.80
C ILE A 371 6.36 35.26 -10.29
N LEU A 372 7.48 35.51 -9.60
CA LEU A 372 8.35 34.47 -9.10
C LEU A 372 7.86 34.00 -7.74
N ILE A 373 7.45 32.75 -7.67
CA ILE A 373 7.18 32.07 -6.39
C ILE A 373 8.34 31.12 -6.13
N PRO A 374 8.98 31.16 -4.96
CA PRO A 374 10.15 30.31 -4.76
C PRO A 374 9.80 28.84 -4.80
N GLU A 375 8.67 28.46 -4.17
CA GLU A 375 8.27 27.06 -4.19
C GLU A 375 8.17 26.52 -5.60
N MET A 376 7.82 27.37 -6.57
CA MET A 376 7.53 26.89 -7.92
C MET A 376 8.77 26.40 -8.64
N GLN A 377 9.95 26.95 -8.33
CA GLN A 377 11.16 26.59 -9.09
C GLN A 377 11.72 25.25 -8.62
N SER A 378 11.80 25.03 -7.31
CA SER A 378 12.14 23.70 -6.83
C SER A 378 11.47 23.44 -5.48
N GLU A 379 10.76 22.31 -5.40
CA GLU A 379 10.19 21.86 -4.14
C GLU A 379 10.39 20.35 -4.05
N GLN A 380 11.18 19.93 -3.06
CA GLN A 380 11.46 18.51 -2.92
C GLN A 380 10.25 17.74 -2.38
N LEU A 381 9.42 18.38 -1.55
CA LEU A 381 8.18 17.70 -1.14
C LEU A 381 7.28 17.41 -2.33
N LYS A 382 7.17 18.34 -3.29
CA LYS A 382 6.30 18.10 -4.45
C LYS A 382 6.86 17.00 -5.35
N GLN A 383 8.16 17.01 -5.63
CA GLN A 383 8.75 15.96 -6.48
C GLN A 383 8.53 14.58 -5.86
N HIS A 384 8.67 14.49 -4.52
CA HIS A 384 8.42 13.24 -3.81
C HIS A 384 6.94 12.89 -3.83
N MET A 385 6.06 13.88 -3.69
CA MET A 385 4.62 13.63 -3.71
C MET A 385 4.21 12.91 -4.98
N ASP A 386 4.96 13.10 -6.07
CA ASP A 386 4.64 12.49 -7.35
C ASP A 386 5.10 11.03 -7.39
N LEU A 387 6.27 10.74 -6.80
CA LEU A 387 6.79 9.37 -6.77
C LEU A 387 5.85 8.46 -6.01
N LEU A 388 5.36 8.95 -4.87
CA LEU A 388 4.35 8.23 -4.12
C LEU A 388 3.18 7.89 -5.00
N LYS A 389 2.62 8.90 -5.70
CA LYS A 389 1.47 8.62 -6.56
C LYS A 389 1.74 7.48 -7.53
N ALA A 390 3.03 7.20 -7.82
CA ALA A 390 3.49 6.27 -8.85
C ALA A 390 3.90 4.93 -8.30
N ALA A 391 4.08 4.79 -6.99
CA ALA A 391 4.45 3.52 -6.39
C ALA A 391 3.22 2.73 -5.93
N VAL A 392 2.05 3.04 -6.45
CA VAL A 392 0.83 2.49 -5.90
C VAL A 392 0.24 1.49 -6.88
N PHE A 393 0.56 0.27 -6.68
CA PHE A 393 -0.03 -0.84 -7.43
C PHE A 393 -1.26 -1.35 -6.71
N PRO A 394 -2.39 -1.49 -7.38
CA PRO A 394 -3.56 -2.09 -6.73
C PRO A 394 -3.41 -3.60 -6.67
N LEU A 395 -3.77 -4.19 -5.53
CA LEU A 395 -3.75 -5.63 -5.36
C LEU A 395 -4.99 -6.21 -6.03
N ARG A 396 -4.79 -6.86 -7.17
CA ARG A 396 -5.89 -7.34 -8.00
C ARG A 396 -6.27 -8.75 -7.61
N HIS A 397 -7.45 -9.17 -8.08
CA HIS A 397 -7.84 -10.56 -7.94
C HIS A 397 -6.93 -11.44 -8.77
N PRO A 398 -6.90 -12.75 -8.51
CA PRO A 398 -6.15 -13.67 -9.37
C PRO A 398 -6.65 -13.60 -10.81
N LEU A 399 -5.72 -13.83 -11.73
CA LEU A 399 -5.87 -13.59 -13.17
C LEU A 399 -6.39 -14.81 -13.93
N ILE A 400 -6.66 -15.94 -13.26
CA ILE A 400 -6.72 -17.22 -13.97
C ILE A 400 -8.05 -17.43 -14.69
N SER A 401 -9.15 -16.86 -14.17
CA SER A 401 -10.45 -16.84 -14.85
C SER A 401 -11.02 -18.24 -15.13
#